data_3IMI
#
_entry.id   3IMI
#
_cell.length_a   156.276
_cell.length_b   46.434
_cell.length_c   84.291
_cell.angle_alpha   90.00
_cell.angle_beta   100.61
_cell.angle_gamma   90.00
#
_symmetry.space_group_name_H-M   'C 1 2 1'
#
loop_
_entity.id
_entity.type
_entity.pdbx_description
1 polymer 'HIT family protein'
2 non-polymer 'ZINC ION'
3 non-polymer 'SULFATE ION'
4 water water
#
_entity_poly.entity_id   1
_entity_poly.type   'polypeptide(L)'
_entity_poly.pdbx_seq_one_letter_code
;SNA(MSE)NHTADNCIFCKIIDGQILCSKVYEDEHVLAFLDISQVTKGHTLVIPKVHKQDIFALTPEIASHIFSVVPKIA
NAIKAEFNPVGFNLLNNNGEKAGQTVFHFHLHLIPRYGENDGFGAVWKSHQNEYT(MSE)ENLQNIASTIANSVK
;
_entity_poly.pdbx_strand_id   A,B,C,D
#
# COMPACT_ATOMS: atom_id res chain seq x y z
N ASN A 5 9.01 -8.44 -13.42
CA ASN A 5 8.06 -9.02 -12.40
C ASN A 5 7.66 -8.02 -11.32
N HIS A 6 8.58 -7.15 -10.92
CA HIS A 6 8.33 -6.21 -9.84
C HIS A 6 8.60 -4.78 -10.29
N THR A 7 7.62 -4.17 -10.95
CA THR A 7 7.78 -2.84 -11.53
C THR A 7 7.48 -1.72 -10.55
N ALA A 8 8.06 -0.55 -10.83
CA ALA A 8 7.87 0.63 -9.99
C ALA A 8 6.40 1.02 -9.91
N ASP A 9 5.67 0.87 -10.99
CA ASP A 9 4.25 1.26 -10.97
C ASP A 9 3.36 0.44 -10.01
N ASN A 10 3.75 -0.79 -9.72
CA ASN A 10 3.01 -1.69 -8.84
C ASN A 10 3.64 -1.77 -7.46
N CYS A 11 4.67 -1.00 -7.22
CA CYS A 11 5.43 -1.05 -5.99
C CYS A 11 4.84 -0.17 -4.88
N ILE A 12 4.49 -0.76 -3.73
CA ILE A 12 3.92 0.04 -2.65
C ILE A 12 4.90 1.05 -2.07
N PHE A 13 6.20 0.75 -2.03
CA PHE A 13 7.13 1.75 -1.51
C PHE A 13 7.25 2.94 -2.48
N CYS A 14 7.26 2.68 -3.79
CA CYS A 14 7.22 3.81 -4.76
C CYS A 14 5.93 4.65 -4.57
N LYS A 15 4.82 3.99 -4.25
CA LYS A 15 3.56 4.71 -3.96
C LYS A 15 3.68 5.62 -2.71
N ILE A 16 4.38 5.14 -1.70
CA ILE A 16 4.65 5.92 -0.49
C ILE A 16 5.51 7.11 -0.83
N ILE A 17 6.58 6.86 -1.59
CA ILE A 17 7.47 7.93 -2.05
C ILE A 17 6.66 8.97 -2.81
N ASP A 18 5.75 8.51 -3.66
CA ASP A 18 4.92 9.41 -4.49
C ASP A 18 3.74 10.03 -3.69
N GLY A 19 3.57 9.65 -2.43
CA GLY A 19 2.50 10.22 -1.60
C GLY A 19 1.10 9.66 -1.83
N GLN A 20 0.98 8.57 -2.58
CA GLN A 20 -0.31 7.92 -2.80
C GLN A 20 -0.70 7.03 -1.63
N ILE A 21 0.26 6.70 -0.76
CA ILE A 21 0.05 5.86 0.42
C ILE A 21 0.73 6.61 1.57
N LEU A 22 0.10 6.63 2.74
CA LEU A 22 0.65 7.34 3.89
C LEU A 22 1.74 6.53 4.61
N CYS A 23 2.68 7.23 5.23
CA CYS A 23 3.72 6.60 6.05
C CYS A 23 4.02 7.49 7.28
N SER A 24 4.67 6.92 8.28
CA SER A 24 5.04 7.65 9.49
C SER A 24 6.51 7.95 9.27
N LYS A 25 6.78 9.16 8.80
CA LYS A 25 8.09 9.52 8.31
C LYS A 25 9.12 9.79 9.38
N VAL A 26 10.31 9.25 9.23
CA VAL A 26 11.39 9.45 10.20
C VAL A 26 12.48 10.39 9.64
N TYR A 27 12.71 10.33 8.33
CA TYR A 27 13.74 11.12 7.71
C TYR A 27 13.56 11.12 6.21
N GLU A 28 13.96 12.19 5.55
CA GLU A 28 13.89 12.27 4.11
C GLU A 28 14.93 13.24 3.56
N ASP A 29 15.56 12.87 2.44
CA ASP A 29 16.45 13.78 1.70
C ASP A 29 16.21 13.48 0.24
N GLU A 30 17.08 14.01 -0.62
CA GLU A 30 16.91 13.83 -2.04
C GLU A 30 17.05 12.39 -2.51
N HIS A 31 17.74 11.56 -1.73
CA HIS A 31 18.03 10.19 -2.16
C HIS A 31 17.31 9.10 -1.43
N VAL A 32 16.90 9.34 -0.20
CA VAL A 32 16.30 8.27 0.58
C VAL A 32 15.13 8.71 1.42
N LEU A 33 14.30 7.75 1.78
CA LEU A 33 13.18 7.98 2.64
C LEU A 33 13.25 6.93 3.75
N ALA A 34 12.95 7.34 4.97
CA ALA A 34 12.92 6.42 6.12
C ALA A 34 11.58 6.60 6.83
N PHE A 35 10.92 5.49 7.16
CA PHE A 35 9.62 5.54 7.80
C PHE A 35 9.46 4.30 8.62
N LEU A 36 8.50 4.31 9.54
CA LEU A 36 8.34 3.14 10.40
C LEU A 36 7.77 1.96 9.62
N ASP A 37 8.23 0.76 9.98
CA ASP A 37 7.66 -0.46 9.48
C ASP A 37 6.41 -0.65 10.32
N ILE A 38 5.24 -0.75 9.67
CA ILE A 38 3.98 -0.89 10.42
C ILE A 38 3.85 -2.16 11.30
N SER A 39 4.71 -3.15 11.03
N SER A 39 4.69 -3.15 11.05
CA SER A 39 4.77 -4.38 11.81
CA SER A 39 4.65 -4.36 11.86
C SER A 39 5.29 -4.13 13.22
C SER A 39 5.31 -4.16 13.23
N GLN A 40 6.17 -3.14 13.34
CA GLN A 40 6.84 -2.82 14.59
C GLN A 40 7.29 -4.10 15.33
N VAL A 41 8.20 -4.87 14.72
CA VAL A 41 8.66 -6.08 15.38
C VAL A 41 9.21 -5.71 16.78
N THR A 42 9.77 -4.52 16.86
CA THR A 42 10.15 -3.88 18.11
C THR A 42 9.78 -2.39 17.92
N LYS A 43 9.62 -1.69 19.03
CA LYS A 43 9.13 -0.30 19.02
C LYS A 43 10.17 0.58 18.37
N GLY A 44 9.80 1.28 17.31
CA GLY A 44 10.74 2.15 16.63
C GLY A 44 11.40 1.53 15.40
N HIS A 45 10.99 0.30 15.08
CA HIS A 45 11.42 -0.43 13.88
C HIS A 45 11.20 0.46 12.65
N THR A 46 12.28 0.72 11.95
CA THR A 46 12.29 1.69 10.87
C THR A 46 12.88 1.09 9.59
N LEU A 47 12.35 1.55 8.46
CA LEU A 47 12.85 1.15 7.15
C LEU A 47 13.55 2.31 6.48
N VAL A 48 14.69 2.02 5.85
CA VAL A 48 15.40 3.02 5.09
C VAL A 48 15.39 2.52 3.65
N ILE A 49 14.86 3.34 2.74
CA ILE A 49 14.73 2.97 1.35
C ILE A 49 15.27 4.01 0.40
N PRO A 50 15.77 3.57 -0.75
CA PRO A 50 16.13 4.56 -1.76
C PRO A 50 14.89 5.11 -2.47
N LYS A 51 14.93 6.37 -2.92
N LYS A 51 14.93 6.36 -2.92
CA LYS A 51 13.80 6.92 -3.64
CA LYS A 51 13.80 6.91 -3.62
C LYS A 51 13.65 6.28 -5.00
C LYS A 51 13.67 6.37 -5.04
N VAL A 52 14.76 5.83 -5.57
CA VAL A 52 14.74 5.21 -6.89
C VAL A 52 14.38 3.74 -6.69
N HIS A 53 13.50 3.21 -7.52
CA HIS A 53 13.10 1.81 -7.38
C HIS A 53 14.23 0.84 -7.81
N LYS A 54 14.76 0.12 -6.84
CA LYS A 54 15.76 -0.93 -7.07
C LYS A 54 15.15 -2.11 -6.32
N GLN A 55 15.08 -3.26 -6.95
CA GLN A 55 14.38 -4.40 -6.37
C GLN A 55 15.02 -5.04 -5.14
N ASP A 56 16.35 -5.08 -5.12
CA ASP A 56 17.08 -5.73 -4.06
C ASP A 56 18.52 -5.29 -4.09
N ILE A 57 19.31 -5.89 -3.19
CA ILE A 57 20.72 -5.51 -3.06
C ILE A 57 21.51 -5.59 -4.38
N PHE A 58 21.19 -6.57 -5.22
CA PHE A 58 21.99 -6.80 -6.40
C PHE A 58 21.84 -5.70 -7.45
N ALA A 59 20.73 -4.96 -7.37
CA ALA A 59 20.43 -3.87 -8.29
C ALA A 59 20.93 -2.48 -7.83
N LEU A 60 21.47 -2.34 -6.63
CA LEU A 60 21.95 -1.03 -6.18
C LEU A 60 23.24 -0.67 -6.89
N THR A 61 23.39 0.60 -7.26
CA THR A 61 24.65 1.12 -7.74
C THR A 61 25.44 1.51 -6.47
N PRO A 62 26.75 1.77 -6.62
CA PRO A 62 27.55 2.16 -5.47
C PRO A 62 27.07 3.47 -4.86
N GLU A 63 26.65 4.39 -5.72
CA GLU A 63 26.18 5.69 -5.28
C GLU A 63 24.87 5.58 -4.47
N ILE A 64 23.93 4.76 -4.94
CA ILE A 64 22.68 4.62 -4.21
C ILE A 64 22.95 3.94 -2.88
N ALA A 65 23.79 2.90 -2.91
CA ALA A 65 24.15 2.18 -1.69
C ALA A 65 24.79 3.15 -0.67
N SER A 66 25.69 4.01 -1.13
CA SER A 66 26.32 5.00 -0.28
C SER A 66 25.30 5.96 0.36
N HIS A 67 24.37 6.46 -0.44
CA HIS A 67 23.36 7.36 0.06
C HIS A 67 22.46 6.70 1.08
N ILE A 68 22.14 5.44 0.88
CA ILE A 68 21.28 4.74 1.81
C ILE A 68 21.99 4.57 3.13
N PHE A 69 23.21 4.06 3.09
CA PHE A 69 23.85 3.72 4.34
C PHE A 69 24.39 4.93 5.10
N SER A 70 24.69 6.00 4.38
CA SER A 70 25.25 7.19 4.98
C SER A 70 24.31 7.83 6.03
N VAL A 71 23.00 7.56 5.94
CA VAL A 71 22.05 8.09 6.91
C VAL A 71 21.68 7.12 8.04
N VAL A 72 22.12 5.86 7.94
CA VAL A 72 21.77 4.88 8.95
C VAL A 72 22.29 5.18 10.36
N PRO A 73 23.57 5.58 10.51
CA PRO A 73 24.02 5.87 11.87
C PRO A 73 23.23 6.98 12.55
N LYS A 74 22.89 8.05 11.82
CA LYS A 74 22.17 9.14 12.45
C LYS A 74 20.74 8.76 12.82
N ILE A 75 20.09 7.93 12.00
CA ILE A 75 18.79 7.45 12.33
C ILE A 75 18.83 6.46 13.50
N ALA A 76 19.80 5.55 13.51
CA ALA A 76 19.98 4.61 14.60
C ALA A 76 20.24 5.37 15.90
N ASN A 77 21.10 6.38 15.86
CA ASN A 77 21.39 7.19 17.03
C ASN A 77 20.16 7.93 17.57
N ALA A 78 19.29 8.38 16.66
CA ALA A 78 18.06 9.06 17.07
C ALA A 78 17.17 8.06 17.83
N ILE A 79 17.04 6.85 17.30
CA ILE A 79 16.20 5.86 17.95
C ILE A 79 16.82 5.52 19.30
N LYS A 80 18.14 5.35 19.31
CA LYS A 80 18.85 5.03 20.54
C LYS A 80 18.63 6.10 21.61
N ALA A 81 18.81 7.36 21.24
CA ALA A 81 18.64 8.46 22.17
C ALA A 81 17.21 8.56 22.74
N GLU A 82 16.21 8.21 21.94
CA GLU A 82 14.85 8.38 22.38
C GLU A 82 14.21 7.21 23.10
N PHE A 83 14.65 6.00 22.78
CA PHE A 83 14.03 4.81 23.34
C PHE A 83 14.96 3.94 24.17
N ASN A 84 16.22 4.35 24.26
N ASN A 84 16.22 4.34 24.30
CA ASN A 84 17.23 3.64 25.07
CA ASN A 84 17.18 3.60 25.13
C ASN A 84 17.21 2.11 24.96
C ASN A 84 17.19 2.08 24.98
N PRO A 85 17.32 1.58 23.74
CA PRO A 85 17.36 0.11 23.54
C PRO A 85 18.68 -0.45 24.06
N VAL A 86 18.68 -1.75 24.35
CA VAL A 86 19.88 -2.39 24.87
C VAL A 86 20.77 -2.87 23.71
N GLY A 87 20.24 -2.85 22.49
CA GLY A 87 21.00 -3.33 21.33
C GLY A 87 20.31 -2.90 20.05
N PHE A 88 20.83 -3.32 18.91
CA PHE A 88 20.30 -2.88 17.64
C PHE A 88 20.76 -3.84 16.53
N ASN A 89 19.85 -4.13 15.62
CA ASN A 89 20.18 -4.91 14.45
C ASN A 89 19.81 -4.21 13.15
N LEU A 90 20.57 -4.51 12.11
CA LEU A 90 20.18 -4.12 10.77
C LEU A 90 19.93 -5.42 10.02
N LEU A 91 18.89 -5.45 9.22
CA LEU A 91 18.55 -6.62 8.42
C LEU A 91 18.07 -6.22 7.03
N ASN A 92 18.48 -6.97 6.03
CA ASN A 92 18.01 -6.80 4.66
C ASN A 92 17.71 -8.19 4.08
N ASN A 93 16.52 -8.33 3.51
CA ASN A 93 16.04 -9.57 2.90
C ASN A 93 15.95 -9.45 1.39
N ASN A 94 16.57 -10.39 0.67
CA ASN A 94 16.53 -10.38 -0.81
C ASN A 94 16.10 -11.75 -1.35
N GLY A 95 14.98 -11.76 -2.04
CA GLY A 95 14.40 -12.97 -2.57
C GLY A 95 13.33 -13.46 -1.63
N GLU A 96 12.24 -13.99 -2.20
CA GLU A 96 11.16 -14.53 -1.45
C GLU A 96 11.66 -15.59 -0.47
N LYS A 97 12.60 -16.42 -0.89
CA LYS A 97 13.11 -17.50 -0.02
C LYS A 97 14.03 -17.02 1.11
N ALA A 98 14.37 -15.74 1.11
CA ALA A 98 15.18 -15.15 2.17
C ALA A 98 14.33 -14.15 2.97
N GLY A 99 13.02 -14.19 2.80
CA GLY A 99 12.10 -13.35 3.57
C GLY A 99 11.69 -12.05 2.92
N GLN A 100 12.05 -11.81 1.66
CA GLN A 100 11.64 -10.54 1.09
C GLN A 100 10.15 -10.59 0.72
N THR A 101 9.41 -9.57 1.13
CA THR A 101 7.97 -9.47 0.81
C THR A 101 7.61 -8.21 -0.01
N VAL A 102 8.37 -7.14 0.12
CA VAL A 102 8.20 -5.93 -0.69
C VAL A 102 9.47 -5.84 -1.53
N PHE A 103 9.30 -5.84 -2.85
CA PHE A 103 10.39 -5.86 -3.80
C PHE A 103 10.94 -4.50 -4.21
N HIS A 104 11.34 -3.75 -3.20
CA HIS A 104 11.97 -2.46 -3.35
C HIS A 104 12.97 -2.56 -2.24
N PHE A 105 14.23 -2.37 -2.55
CA PHE A 105 15.28 -2.52 -1.54
C PHE A 105 15.00 -1.71 -0.30
N HIS A 106 15.08 -2.34 0.86
CA HIS A 106 14.96 -1.65 2.11
C HIS A 106 15.79 -2.29 3.21
N LEU A 107 16.33 -1.45 4.07
CA LEU A 107 16.99 -1.92 5.27
C LEU A 107 16.08 -1.74 6.46
N HIS A 108 16.03 -2.77 7.30
CA HIS A 108 15.30 -2.75 8.57
C HIS A 108 16.26 -2.30 9.65
N LEU A 109 15.84 -1.30 10.41
CA LEU A 109 16.58 -0.80 11.53
C LEU A 109 15.76 -1.24 12.74
N ILE A 110 16.31 -2.19 13.49
CA ILE A 110 15.58 -2.86 14.55
C ILE A 110 16.20 -2.67 15.92
N PRO A 111 15.58 -1.82 16.75
CA PRO A 111 16.08 -1.71 18.10
C PRO A 111 15.72 -2.96 18.90
N ARG A 112 16.57 -3.27 19.88
CA ARG A 112 16.36 -4.44 20.71
C ARG A 112 16.21 -3.98 22.15
N TYR A 113 15.28 -4.60 22.86
CA TYR A 113 14.94 -4.23 24.22
C TYR A 113 15.16 -5.35 25.20
N GLY A 114 15.29 -6.56 24.69
CA GLY A 114 15.60 -7.69 25.52
C GLY A 114 14.89 -8.93 25.06
N GLU A 115 14.65 -9.77 26.06
CA GLU A 115 14.10 -11.10 25.91
C GLU A 115 12.82 -11.19 25.10
N ASN A 116 11.96 -10.20 25.21
CA ASN A 116 10.67 -10.28 24.56
C ASN A 116 10.57 -9.62 23.17
N ASP A 117 11.69 -9.46 22.47
CA ASP A 117 11.72 -8.84 21.13
C ASP A 117 11.12 -9.68 20.00
N GLY A 118 10.58 -8.99 18.99
CA GLY A 118 9.98 -9.64 17.84
C GLY A 118 11.00 -10.01 16.77
N PHE A 119 12.26 -9.72 17.01
CA PHE A 119 13.29 -10.13 16.08
C PHE A 119 14.33 -10.95 16.81
N GLY A 120 14.84 -11.97 16.14
CA GLY A 120 15.93 -12.79 16.63
C GLY A 120 16.54 -13.52 15.47
N ALA A 121 17.84 -13.74 15.51
CA ALA A 121 18.51 -14.48 14.46
C ALA A 121 18.72 -15.91 14.93
N VAL A 122 18.33 -16.88 14.10
CA VAL A 122 18.61 -18.27 14.39
C VAL A 122 19.97 -18.42 13.71
N TRP A 123 20.97 -18.84 14.46
CA TRP A 123 22.33 -18.86 13.97
C TRP A 123 23.06 -20.16 14.27
N LYS A 124 23.55 -20.83 13.22
CA LYS A 124 24.30 -22.05 13.36
C LYS A 124 25.52 -22.09 12.42
N SER A 125 26.69 -22.25 13.05
CA SER A 125 27.96 -22.37 12.35
C SER A 125 28.08 -23.70 11.63
N HIS A 126 28.75 -23.69 10.49
CA HIS A 126 29.03 -24.88 9.70
C HIS A 126 30.52 -24.89 9.44
N GLN A 127 31.25 -24.32 10.38
CA GLN A 127 32.69 -24.14 10.24
C GLN A 127 33.47 -25.41 9.90
N ASN A 128 33.19 -26.49 10.61
CA ASN A 128 33.94 -27.71 10.41
C ASN A 128 33.56 -28.49 9.16
N GLU A 129 32.67 -27.96 8.35
CA GLU A 129 32.39 -28.58 7.07
C GLU A 129 33.47 -28.11 6.06
N TYR A 130 34.34 -27.18 6.47
CA TYR A 130 35.32 -26.63 5.53
C TYR A 130 36.77 -26.73 5.98
N THR A 131 37.63 -27.16 5.08
CA THR A 131 39.06 -27.17 5.33
C THR A 131 39.64 -25.81 4.93
N GLU A 133 41.90 -25.38 2.69
N GLU A 133 41.89 -25.35 2.66
CA GLU A 133 41.93 -25.39 1.24
CA GLU A 133 41.93 -25.27 1.21
C GLU A 133 40.57 -24.94 0.67
C GLU A 133 40.55 -24.91 0.65
N ASN A 134 39.49 -25.44 1.26
CA ASN A 134 38.13 -25.12 0.82
C ASN A 134 37.82 -23.62 0.89
N LEU A 135 38.19 -23.00 2.01
CA LEU A 135 37.94 -21.57 2.23
C LEU A 135 38.74 -20.73 1.24
N GLN A 136 39.99 -21.13 1.00
CA GLN A 136 40.85 -20.42 0.07
C GLN A 136 40.21 -20.45 -1.32
N ASN A 137 39.66 -21.59 -1.72
N ASN A 137 39.66 -21.60 -1.70
CA ASN A 137 39.04 -21.69 -3.04
CA ASN A 137 39.03 -21.75 -3.00
C ASN A 137 37.71 -20.94 -3.14
C ASN A 137 37.77 -20.90 -3.10
N ILE A 138 36.91 -20.96 -2.07
CA ILE A 138 35.67 -20.18 -2.04
C ILE A 138 35.98 -18.69 -2.11
N ALA A 139 36.98 -18.24 -1.33
CA ALA A 139 37.37 -16.84 -1.31
C ALA A 139 37.93 -16.36 -2.67
N SER A 140 38.81 -17.14 -3.30
CA SER A 140 39.32 -16.73 -4.60
C SER A 140 38.25 -16.79 -5.68
N THR A 141 37.34 -17.76 -5.58
CA THR A 141 36.25 -17.80 -6.55
C THR A 141 35.40 -16.53 -6.51
N ILE A 142 35.07 -16.05 -5.32
CA ILE A 142 34.29 -14.83 -5.16
C ILE A 142 35.15 -13.66 -5.60
N ALA A 143 36.39 -13.60 -5.12
CA ALA A 143 37.29 -12.51 -5.43
C ALA A 143 37.42 -12.30 -6.93
N ASN A 144 37.66 -13.37 -7.67
CA ASN A 144 37.83 -13.27 -9.12
C ASN A 144 36.58 -12.81 -9.87
N SER A 145 35.42 -12.93 -9.25
N SER A 145 35.41 -12.93 -9.26
CA SER A 145 34.17 -12.52 -9.88
CA SER A 145 34.17 -12.50 -9.91
C SER A 145 33.77 -11.08 -9.56
C SER A 145 33.67 -11.13 -9.45
N VAL A 146 34.37 -10.47 -8.54
CA VAL A 146 33.97 -9.12 -8.12
C VAL A 146 34.25 -8.14 -9.26
N LYS A 147 33.22 -7.41 -9.71
CA LYS A 147 33.41 -6.52 -10.85
C LYS A 147 34.07 -5.20 -10.49
N HIS B 6 36.15 -3.26 25.65
CA HIS B 6 36.56 -3.48 24.23
C HIS B 6 37.49 -2.37 23.83
N THR B 7 38.64 -2.73 23.23
CA THR B 7 39.64 -1.75 22.76
C THR B 7 40.14 -2.14 21.37
N ALA B 8 40.73 -1.16 20.67
CA ALA B 8 41.30 -1.39 19.34
C ALA B 8 42.56 -2.26 19.34
N ASP B 9 43.35 -2.21 20.42
CA ASP B 9 44.54 -3.08 20.48
C ASP B 9 44.17 -4.57 20.73
N ASN B 10 43.00 -4.82 21.31
CA ASN B 10 42.51 -6.19 21.56
C ASN B 10 41.54 -6.70 20.49
N CYS B 11 41.26 -5.86 19.50
CA CYS B 11 40.30 -6.21 18.45
C CYS B 11 40.85 -7.16 17.37
N ILE B 12 40.20 -8.32 17.22
N ILE B 12 40.23 -8.33 17.20
CA ILE B 12 40.61 -9.31 16.24
CA ILE B 12 40.76 -9.27 16.21
C ILE B 12 40.61 -8.77 14.82
C ILE B 12 40.61 -8.79 14.77
N PHE B 13 39.58 -7.98 14.48
CA PHE B 13 39.47 -7.43 13.14
C PHE B 13 40.57 -6.40 12.85
N CYS B 14 40.94 -5.62 13.85
CA CYS B 14 42.08 -4.69 13.69
C CYS B 14 43.39 -5.49 13.46
N LYS B 15 43.54 -6.65 14.11
CA LYS B 15 44.72 -7.50 13.88
C LYS B 15 44.76 -8.02 12.44
N ILE B 16 43.60 -8.42 11.93
CA ILE B 16 43.49 -8.90 10.56
C ILE B 16 43.85 -7.77 9.58
N ILE B 17 43.29 -6.58 9.81
CA ILE B 17 43.57 -5.42 8.98
C ILE B 17 45.08 -5.14 8.99
N ASP B 18 45.68 -5.27 10.17
N ASP B 18 45.70 -5.24 10.17
CA ASP B 18 47.11 -5.02 10.36
CA ASP B 18 47.14 -4.99 10.29
C ASP B 18 48.02 -6.19 9.92
C ASP B 18 48.03 -6.20 9.91
N GLY B 19 47.42 -7.31 9.52
CA GLY B 19 48.21 -8.49 9.08
C GLY B 19 48.85 -9.34 10.17
N GLN B 20 48.33 -9.26 11.39
CA GLN B 20 48.86 -10.06 12.49
C GLN B 20 48.10 -11.37 12.59
N ILE B 21 47.01 -11.48 11.86
CA ILE B 21 46.14 -12.65 11.84
C ILE B 21 45.70 -12.84 10.38
N LEU B 22 45.56 -14.08 9.96
CA LEU B 22 45.13 -14.39 8.61
C LEU B 22 43.61 -14.32 8.41
N CYS B 23 43.21 -14.11 7.17
CA CYS B 23 41.80 -14.18 6.79
C CYS B 23 41.73 -14.67 5.34
N SER B 24 40.54 -15.12 4.92
CA SER B 24 40.30 -15.56 3.53
C SER B 24 39.69 -14.35 2.84
N LYS B 25 40.55 -13.53 2.25
N LYS B 25 40.54 -13.51 2.27
CA LYS B 25 40.19 -12.25 1.61
CA LYS B 25 40.12 -12.25 1.66
C LYS B 25 39.33 -12.37 0.36
C LYS B 25 39.31 -12.38 0.38
N VAL B 26 38.26 -11.57 0.30
CA VAL B 26 37.39 -11.54 -0.87
C VAL B 26 37.51 -10.22 -1.65
N TYR B 27 37.81 -9.14 -0.93
CA TYR B 27 37.92 -7.82 -1.52
C TYR B 27 38.59 -6.87 -0.52
N GLU B 28 39.33 -5.88 -1.03
CA GLU B 28 39.93 -4.88 -0.17
C GLU B 28 40.17 -3.64 -1.00
N ASP B 29 39.94 -2.49 -0.39
CA ASP B 29 40.29 -1.23 -0.99
C ASP B 29 40.88 -0.36 0.12
N GLU B 30 41.08 0.93 -0.14
CA GLU B 30 41.66 1.82 0.86
C GLU B 30 40.87 1.88 2.18
N HIS B 31 39.57 1.70 2.12
CA HIS B 31 38.70 1.92 3.26
C HIS B 31 38.05 0.70 3.89
N VAL B 32 38.00 -0.39 3.13
CA VAL B 32 37.25 -1.56 3.54
C VAL B 32 37.98 -2.83 3.22
N LEU B 33 37.69 -3.87 4.01
CA LEU B 33 38.20 -5.23 3.83
C LEU B 33 37.03 -6.19 3.92
N ALA B 34 36.98 -7.16 3.01
CA ALA B 34 35.92 -8.17 3.05
C ALA B 34 36.60 -9.52 3.05
N PHE B 35 36.12 -10.42 3.89
CA PHE B 35 36.70 -11.77 4.01
C PHE B 35 35.61 -12.72 4.49
N LEU B 36 35.84 -14.01 4.28
CA LEU B 36 34.85 -15.00 4.65
C LEU B 36 34.71 -15.10 6.16
N ASP B 37 33.49 -15.32 6.62
CA ASP B 37 33.28 -15.57 8.05
C ASP B 37 33.63 -17.03 8.19
N ILE B 38 34.55 -17.36 9.09
CA ILE B 38 34.91 -18.77 9.17
C ILE B 38 33.79 -19.69 9.65
N SER B 39 32.73 -19.10 10.21
N SER B 39 32.73 -19.13 10.24
CA SER B 39 31.57 -19.89 10.65
CA SER B 39 31.62 -19.99 10.68
C SER B 39 30.83 -20.47 9.45
C SER B 39 30.75 -20.42 9.48
N GLN B 40 30.92 -19.77 8.33
CA GLN B 40 30.22 -20.14 7.10
C GLN B 40 28.83 -20.67 7.37
N VAL B 41 27.94 -19.82 7.90
CA VAL B 41 26.56 -20.26 8.21
C VAL B 41 25.93 -20.78 6.94
N THR B 42 26.38 -20.24 5.82
CA THR B 42 26.06 -20.72 4.48
C THR B 42 27.33 -20.56 3.65
N LYS B 43 27.44 -21.29 2.55
CA LYS B 43 28.59 -21.24 1.69
C LYS B 43 28.79 -19.86 1.06
N GLY B 44 29.92 -19.23 1.38
CA GLY B 44 30.23 -17.90 0.82
C GLY B 44 29.88 -16.74 1.75
N HIS B 45 29.42 -17.06 2.95
CA HIS B 45 29.15 -16.10 4.01
C HIS B 45 30.38 -15.22 4.19
N THR B 46 30.20 -13.91 4.00
CA THR B 46 31.29 -12.95 3.94
C THR B 46 31.02 -11.80 4.90
N LEU B 47 32.08 -11.27 5.47
CA LEU B 47 32.01 -10.08 6.30
C LEU B 47 32.61 -8.90 5.56
N VAL B 48 31.96 -7.75 5.65
CA VAL B 48 32.51 -6.50 5.12
C VAL B 48 32.75 -5.58 6.35
N ILE B 49 33.97 -5.08 6.48
CA ILE B 49 34.34 -4.28 7.63
C ILE B 49 35.14 -3.04 7.22
N PRO B 50 34.97 -1.93 7.97
CA PRO B 50 35.80 -0.75 7.74
C PRO B 50 37.21 -0.99 8.24
N LYS B 51 38.20 -0.39 7.59
CA LYS B 51 39.56 -0.55 8.07
C LYS B 51 39.79 0.24 9.35
N VAL B 52 38.98 1.26 9.60
CA VAL B 52 39.07 2.05 10.80
C VAL B 52 38.26 1.38 11.90
N HIS B 53 38.80 1.35 13.11
CA HIS B 53 38.07 0.75 14.19
C HIS B 53 36.88 1.61 14.70
N LYS B 54 35.68 1.13 14.46
CA LYS B 54 34.47 1.71 15.00
C LYS B 54 33.75 0.51 15.60
N GLN B 55 33.31 0.65 16.84
CA GLN B 55 32.70 -0.48 17.54
C GLN B 55 31.36 -1.00 16.98
N ASP B 56 30.50 -0.09 16.53
CA ASP B 56 29.16 -0.48 16.11
C ASP B 56 28.52 0.60 15.26
N ILE B 57 27.25 0.38 14.91
CA ILE B 57 26.54 1.24 13.98
C ILE B 57 26.51 2.69 14.45
N PHE B 58 26.38 2.87 15.75
CA PHE B 58 26.23 4.21 16.32
C PHE B 58 27.48 5.07 16.24
N ALA B 59 28.63 4.43 16.11
CA ALA B 59 29.91 5.15 16.02
C ALA B 59 30.36 5.40 14.57
N LEU B 60 29.63 4.89 13.58
CA LEU B 60 30.02 5.15 12.21
C LEU B 60 29.74 6.60 11.84
N THR B 61 30.59 7.17 11.01
CA THR B 61 30.37 8.49 10.49
C THR B 61 29.68 8.28 9.14
N PRO B 62 29.07 9.34 8.60
CA PRO B 62 28.47 9.13 7.30
C PRO B 62 29.47 8.69 6.24
N GLU B 63 30.68 9.24 6.31
N GLU B 63 30.70 9.22 6.26
CA GLU B 63 31.72 8.93 5.36
CA GLU B 63 31.66 8.82 5.23
C GLU B 63 32.14 7.44 5.38
C GLU B 63 32.12 7.38 5.35
N ILE B 64 32.28 6.88 6.58
CA ILE B 64 32.69 5.48 6.75
C ILE B 64 31.55 4.56 6.35
N ALA B 65 30.33 4.91 6.78
CA ALA B 65 29.15 4.13 6.41
C ALA B 65 29.05 4.06 4.88
N SER B 66 29.27 5.17 4.20
CA SER B 66 29.18 5.11 2.74
C SER B 66 30.27 4.25 2.13
N HIS B 67 31.49 4.30 2.65
CA HIS B 67 32.54 3.44 2.09
C HIS B 67 32.21 1.97 2.22
N ILE B 68 31.68 1.57 3.37
CA ILE B 68 31.31 0.18 3.61
C ILE B 68 30.23 -0.28 2.62
N PHE B 69 29.14 0.46 2.54
CA PHE B 69 28.03 -0.05 1.78
C PHE B 69 28.20 0.03 0.28
N SER B 70 29.05 0.94 -0.18
N SER B 70 29.06 0.94 -0.17
CA SER B 70 29.27 1.15 -1.58
CA SER B 70 29.32 1.17 -1.57
C SER B 70 29.73 -0.13 -2.29
C SER B 70 29.85 -0.06 -2.32
N VAL B 71 30.45 -1.00 -1.58
CA VAL B 71 31.00 -2.21 -2.19
C VAL B 71 30.16 -3.46 -1.95
N VAL B 72 29.11 -3.32 -1.17
CA VAL B 72 28.29 -4.47 -0.82
C VAL B 72 27.59 -5.04 -2.06
N PRO B 73 27.00 -4.20 -2.91
CA PRO B 73 26.33 -4.81 -4.02
C PRO B 73 27.28 -5.59 -4.93
N LYS B 74 28.50 -5.10 -5.19
CA LYS B 74 29.39 -5.86 -6.10
C LYS B 74 29.88 -7.16 -5.48
N ILE B 75 30.04 -7.18 -4.17
CA ILE B 75 30.45 -8.42 -3.51
C ILE B 75 29.26 -9.39 -3.50
N ALA B 76 28.07 -8.89 -3.16
CA ALA B 76 26.86 -9.72 -3.17
C ALA B 76 26.64 -10.32 -4.57
N ASN B 77 26.81 -9.49 -5.59
CA ASN B 77 26.70 -10.00 -6.97
C ASN B 77 27.71 -11.07 -7.34
N ALA B 78 28.94 -10.97 -6.86
CA ALA B 78 29.96 -11.98 -7.15
C ALA B 78 29.58 -13.31 -6.50
N ILE B 79 29.15 -13.26 -5.23
CA ILE B 79 28.70 -14.46 -4.50
C ILE B 79 27.52 -15.10 -5.24
N LYS B 80 26.57 -14.27 -5.65
CA LYS B 80 25.41 -14.78 -6.37
C LYS B 80 25.79 -15.41 -7.70
N ALA B 81 26.70 -14.78 -8.43
CA ALA B 81 27.09 -15.30 -9.75
C ALA B 81 27.81 -16.63 -9.64
N GLU B 82 28.59 -16.77 -8.58
CA GLU B 82 29.36 -17.98 -8.43
C GLU B 82 28.61 -19.16 -7.83
N PHE B 83 27.76 -18.93 -6.85
CA PHE B 83 27.10 -20.04 -6.17
C PHE B 83 25.58 -20.18 -6.39
N ASN B 84 24.97 -19.29 -7.17
CA ASN B 84 23.54 -19.39 -7.47
C ASN B 84 22.64 -19.62 -6.25
N PRO B 85 22.76 -18.76 -5.23
CA PRO B 85 21.87 -18.91 -4.09
C PRO B 85 20.42 -18.55 -4.47
N VAL B 86 19.46 -19.00 -3.69
CA VAL B 86 18.06 -18.72 -3.93
C VAL B 86 17.66 -17.36 -3.32
N GLY B 87 18.49 -16.83 -2.42
CA GLY B 87 18.19 -15.56 -1.81
C GLY B 87 19.43 -15.04 -1.13
N PHE B 88 19.29 -13.96 -0.38
CA PHE B 88 20.44 -13.31 0.22
C PHE B 88 19.99 -12.38 1.36
N ASN B 89 20.76 -12.38 2.44
CA ASN B 89 20.49 -11.50 3.56
C ASN B 89 21.74 -10.70 3.94
N LEU B 90 21.48 -9.51 4.49
CA LEU B 90 22.50 -8.67 5.14
C LEU B 90 22.07 -8.61 6.62
N LEU B 91 23.02 -8.72 7.53
CA LEU B 91 22.75 -8.67 8.96
C LEU B 91 23.87 -7.91 9.67
N ASN B 92 23.49 -7.09 10.65
CA ASN B 92 24.46 -6.38 11.48
C ASN B 92 23.93 -6.40 12.88
N ASN B 93 24.80 -6.76 13.80
CA ASN B 93 24.49 -6.91 15.23
C ASN B 93 25.25 -5.89 16.07
N ASN B 94 24.54 -5.16 16.93
CA ASN B 94 25.14 -4.13 17.77
C ASN B 94 24.72 -4.33 19.19
N GLY B 95 25.70 -4.62 20.05
CA GLY B 95 25.44 -4.93 21.44
C GLY B 95 25.34 -6.44 21.66
N GLU B 96 25.90 -6.90 22.78
CA GLU B 96 25.86 -8.32 23.07
C GLU B 96 24.44 -8.84 23.15
N LYS B 97 23.48 -8.02 23.60
CA LYS B 97 22.07 -8.45 23.66
C LYS B 97 21.45 -8.57 22.27
N ALA B 98 22.08 -8.00 21.26
CA ALA B 98 21.57 -8.14 19.89
C ALA B 98 22.42 -9.12 19.10
N GLY B 99 23.28 -9.87 19.76
CA GLY B 99 24.10 -10.86 19.07
C GLY B 99 25.52 -10.47 18.69
N GLN B 100 25.98 -9.29 19.07
CA GLN B 100 27.33 -8.91 18.70
C GLN B 100 28.37 -9.65 19.55
N THR B 101 29.34 -10.26 18.88
CA THR B 101 30.43 -10.96 19.58
C THR B 101 31.79 -10.39 19.20
N VAL B 102 31.93 -9.74 18.03
CA VAL B 102 33.20 -9.09 17.70
C VAL B 102 32.90 -7.62 17.66
N PHE B 103 33.62 -6.83 18.47
CA PHE B 103 33.26 -5.42 18.65
C PHE B 103 33.95 -4.40 17.74
N HIS B 104 33.81 -4.66 16.46
CA HIS B 104 34.30 -3.84 15.37
C HIS B 104 33.17 -3.96 14.39
N PHE B 105 32.64 -2.83 13.97
CA PHE B 105 31.50 -2.86 13.08
C PHE B 105 31.71 -3.75 11.88
N HIS B 106 30.72 -4.58 11.59
CA HIS B 106 30.77 -5.40 10.36
C HIS B 106 29.40 -5.87 9.90
N LEU B 107 29.26 -5.99 8.60
CA LEU B 107 28.09 -6.53 7.98
C LEU B 107 28.33 -7.97 7.54
N HIS B 108 27.35 -8.81 7.84
CA HIS B 108 27.31 -10.17 7.36
C HIS B 108 26.59 -10.17 6.00
N LEU B 109 27.24 -10.72 4.98
CA LEU B 109 26.59 -10.98 3.69
C LEU B 109 26.34 -12.52 3.66
N ILE B 110 25.06 -12.88 3.69
CA ILE B 110 24.66 -14.27 3.85
C ILE B 110 23.83 -14.78 2.69
N PRO B 111 24.48 -15.52 1.80
CA PRO B 111 23.70 -16.16 0.76
C PRO B 111 22.79 -17.23 1.36
N ARG B 112 21.66 -17.49 0.70
CA ARG B 112 20.69 -18.46 1.15
C ARG B 112 20.50 -19.52 0.08
N TYR B 113 20.48 -20.79 0.47
CA TYR B 113 20.34 -21.88 -0.46
C TYR B 113 19.13 -22.76 -0.19
N GLY B 114 18.64 -22.78 1.04
CA GLY B 114 17.54 -23.66 1.40
C GLY B 114 17.56 -24.13 2.84
N GLU B 115 16.95 -25.30 3.08
CA GLU B 115 16.75 -25.83 4.44
C GLU B 115 17.99 -26.02 5.34
N ASN B 116 19.18 -26.25 4.80
CA ASN B 116 20.37 -26.46 5.65
C ASN B 116 21.03 -25.13 6.08
N ASP B 117 20.45 -24.00 5.65
CA ASP B 117 21.01 -22.69 5.97
C ASP B 117 21.17 -22.49 7.48
N GLY B 118 22.33 -21.97 7.89
CA GLY B 118 22.58 -21.68 9.29
C GLY B 118 22.19 -20.28 9.71
N PHE B 119 21.37 -19.61 8.91
CA PHE B 119 20.79 -18.34 9.28
C PHE B 119 19.30 -18.38 9.02
N GLY B 120 18.55 -17.86 9.98
CA GLY B 120 17.11 -17.70 9.86
C GLY B 120 16.70 -16.57 10.78
N ALA B 121 15.53 -16.00 10.56
CA ALA B 121 15.07 -14.91 11.41
C ALA B 121 13.81 -15.30 12.15
N VAL B 122 13.74 -14.92 13.41
CA VAL B 122 12.51 -15.04 14.17
C VAL B 122 11.87 -13.68 13.85
N TRP B 123 10.60 -13.67 13.45
CA TRP B 123 9.95 -12.43 13.05
C TRP B 123 8.53 -12.37 13.58
N LYS B 124 8.28 -11.55 14.58
CA LYS B 124 6.97 -11.50 15.19
C LYS B 124 6.38 -10.11 15.05
N SER B 125 5.36 -10.01 14.21
CA SER B 125 4.65 -8.76 14.00
C SER B 125 3.88 -8.33 15.26
N HIS B 126 3.85 -7.02 15.51
CA HIS B 126 3.05 -6.42 16.56
C HIS B 126 2.15 -5.34 15.97
N GLN B 127 1.84 -5.50 14.70
CA GLN B 127 1.10 -4.50 13.98
C GLN B 127 -0.20 -4.01 14.66
N ASN B 128 -1.01 -4.93 15.15
CA ASN B 128 -2.30 -4.59 15.74
C ASN B 128 -2.23 -4.00 17.16
N GLU B 129 -1.04 -3.82 17.71
CA GLU B 129 -0.87 -3.23 19.03
C GLU B 129 -0.59 -1.74 18.93
N TYR B 130 -0.60 -1.19 17.72
CA TYR B 130 -0.30 0.24 17.49
C TYR B 130 -1.44 0.90 16.72
N THR B 131 -1.83 2.09 17.15
CA THR B 131 -2.80 2.85 16.36
C THR B 131 -2.02 3.80 15.45
N GLU B 133 -2.15 7.03 15.46
CA GLU B 133 -1.65 8.07 16.34
C GLU B 133 -0.34 7.65 17.02
N ASN B 134 -0.28 6.42 17.54
CA ASN B 134 0.93 5.90 18.19
C ASN B 134 2.09 5.94 17.22
N LEU B 135 1.87 5.49 15.98
CA LEU B 135 2.93 5.47 14.97
C LEU B 135 3.39 6.88 14.63
N GLN B 136 2.43 7.81 14.51
CA GLN B 136 2.78 9.20 14.21
C GLN B 136 3.67 9.80 15.31
N ASN B 137 3.34 9.53 16.56
CA ASN B 137 4.07 10.07 17.73
C ASN B 137 5.46 9.44 17.83
N ILE B 138 5.55 8.15 17.55
CA ILE B 138 6.84 7.45 17.54
C ILE B 138 7.75 8.02 16.46
N ALA B 139 7.22 8.17 15.27
CA ALA B 139 7.99 8.71 14.16
C ALA B 139 8.48 10.14 14.41
N SER B 140 7.60 10.99 14.93
N SER B 140 7.60 11.02 14.92
CA SER B 140 7.94 12.39 15.19
CA SER B 140 8.01 12.42 15.13
C SER B 140 9.05 12.47 16.21
C SER B 140 9.03 12.54 16.26
N THR B 141 8.96 11.62 17.23
CA THR B 141 9.94 11.59 18.30
C THR B 141 11.32 11.27 17.72
N ILE B 142 11.37 10.27 16.84
CA ILE B 142 12.62 9.92 16.17
C ILE B 142 13.08 11.01 15.22
N ALA B 143 12.17 11.45 14.35
CA ALA B 143 12.49 12.49 13.35
C ALA B 143 13.12 13.73 13.97
N ASN B 144 12.56 14.17 15.08
CA ASN B 144 13.05 15.36 15.76
C ASN B 144 14.37 15.14 16.50
N SER B 145 14.78 13.90 16.65
CA SER B 145 16.03 13.63 17.34
C SER B 145 17.22 13.38 16.39
N VAL B 146 16.97 13.29 15.09
CA VAL B 146 18.02 13.02 14.12
C VAL B 146 18.95 14.21 14.06
N LYS B 147 20.24 13.95 14.30
CA LYS B 147 21.27 14.97 14.21
C LYS B 147 21.97 14.73 12.88
N THR C 7 -41.70 16.88 -0.30
CA THR C 7 -42.99 16.26 -0.73
C THR C 7 -42.86 14.73 -0.79
N ALA C 8 -43.84 14.04 -1.39
CA ALA C 8 -43.83 12.57 -1.49
C ALA C 8 -44.98 12.02 -2.35
N ASP C 9 -45.94 12.88 -2.68
CA ASP C 9 -47.14 12.52 -3.44
C ASP C 9 -47.06 13.12 -4.84
N ASN C 10 -46.22 14.15 -4.97
CA ASN C 10 -45.98 14.81 -6.23
C ASN C 10 -44.79 14.16 -6.90
N CYS C 11 -44.45 12.94 -6.49
CA CYS C 11 -43.26 12.26 -7.02
C CYS C 11 -43.43 11.67 -8.42
N ILE C 12 -42.71 12.22 -9.37
CA ILE C 12 -42.77 11.74 -10.74
C ILE C 12 -42.38 10.27 -10.86
N PHE C 13 -41.40 9.82 -10.10
CA PHE C 13 -41.01 8.43 -10.21
C PHE C 13 -42.09 7.50 -9.69
N CYS C 14 -42.73 7.86 -8.57
CA CYS C 14 -43.83 7.06 -8.07
C CYS C 14 -44.97 7.04 -9.09
N LYS C 15 -45.05 8.12 -9.85
CA LYS C 15 -46.08 8.28 -10.89
C LYS C 15 -45.74 7.29 -12.03
N ILE C 16 -44.46 7.16 -12.35
CA ILE C 16 -44.00 6.23 -13.40
C ILE C 16 -44.25 4.78 -12.98
N ILE C 17 -43.91 4.46 -11.73
CA ILE C 17 -44.13 3.13 -11.17
C ILE C 17 -45.62 2.79 -11.22
N ASP C 18 -46.44 3.75 -10.82
CA ASP C 18 -47.88 3.60 -10.77
C ASP C 18 -48.53 3.55 -12.18
N GLY C 19 -47.76 3.78 -13.24
CA GLY C 19 -48.28 3.72 -14.62
C GLY C 19 -49.09 4.93 -15.04
N GLN C 20 -48.85 6.06 -14.40
CA GLN C 20 -49.56 7.29 -14.72
C GLN C 20 -48.76 8.15 -15.71
N ILE C 21 -47.46 7.88 -15.77
CA ILE C 21 -46.51 8.57 -16.66
C ILE C 21 -45.77 7.50 -17.46
N LEU C 22 -45.37 7.81 -18.70
CA LEU C 22 -44.60 6.86 -19.52
C LEU C 22 -43.09 6.97 -19.27
N CYS C 23 -42.36 5.92 -19.66
CA CYS C 23 -40.91 5.89 -19.60
C CYS C 23 -40.40 4.89 -20.64
N SER C 24 -39.08 4.89 -20.86
CA SER C 24 -38.42 3.96 -21.75
C SER C 24 -37.85 2.87 -20.85
N LYS C 25 -38.61 1.81 -20.61
CA LYS C 25 -38.22 0.75 -19.66
C LYS C 25 -37.02 -0.09 -20.11
N VAL C 26 -36.08 -0.31 -19.20
CA VAL C 26 -34.90 -1.12 -19.47
C VAL C 26 -35.00 -2.46 -18.74
N TYR C 27 -35.51 -2.42 -17.52
CA TYR C 27 -35.61 -3.60 -16.70
C TYR C 27 -36.64 -3.39 -15.60
N GLU C 28 -37.22 -4.48 -15.14
CA GLU C 28 -38.19 -4.38 -14.05
C GLU C 28 -38.31 -5.72 -13.33
N ASP C 29 -38.38 -5.68 -12.00
CA ASP C 29 -38.64 -6.89 -11.24
C ASP C 29 -39.57 -6.51 -10.10
N GLU C 30 -39.77 -7.40 -9.14
CA GLU C 30 -40.70 -7.12 -8.04
C GLU C 30 -40.31 -5.91 -7.18
N HIS C 31 -39.02 -5.60 -7.10
CA HIS C 31 -38.57 -4.51 -6.22
C HIS C 31 -37.98 -3.27 -6.88
N VAL C 32 -37.60 -3.36 -8.16
CA VAL C 32 -36.93 -2.25 -8.83
C VAL C 32 -37.39 -2.04 -10.25
N LEU C 33 -37.18 -0.82 -10.73
CA LEU C 33 -37.51 -0.45 -12.10
C LEU C 33 -36.33 0.33 -12.64
N ALA C 34 -35.97 0.07 -13.89
CA ALA C 34 -34.88 0.80 -14.52
C ALA C 34 -35.38 1.34 -15.84
N PHE C 35 -35.03 2.59 -16.14
CA PHE C 35 -35.46 3.20 -17.38
C PHE C 35 -34.48 4.28 -17.76
N LEU C 36 -34.50 4.69 -19.02
CA LEU C 36 -33.55 5.69 -19.48
C LEU C 36 -33.80 7.05 -18.86
N ASP C 37 -32.71 7.75 -18.60
CA ASP C 37 -32.84 9.11 -18.15
C ASP C 37 -33.05 9.87 -19.46
N ILE C 38 -34.17 10.56 -19.55
CA ILE C 38 -34.52 11.32 -20.75
C ILE C 38 -33.50 12.40 -21.10
N SER C 39 -32.64 12.75 -20.14
CA SER C 39 -31.56 13.72 -20.35
C SER C 39 -30.46 13.15 -21.24
N GLN C 40 -30.35 11.83 -21.27
CA GLN C 40 -29.29 11.15 -22.02
C GLN C 40 -27.96 11.93 -22.04
N VAL C 41 -27.35 12.11 -20.88
CA VAL C 41 -26.05 12.81 -20.80
C VAL C 41 -25.05 12.10 -21.71
N THR C 42 -25.27 10.80 -21.88
CA THR C 42 -24.53 9.94 -22.79
C THR C 42 -25.57 8.90 -23.22
N LYS C 43 -25.38 8.31 -24.40
N LYS C 43 -25.35 8.29 -24.38
CA LYS C 43 -26.31 7.33 -24.94
CA LYS C 43 -26.27 7.31 -24.94
C LYS C 43 -26.38 6.07 -24.06
C LYS C 43 -26.37 6.06 -24.05
N GLY C 44 -27.58 5.72 -23.62
CA GLY C 44 -27.79 4.56 -22.75
C GLY C 44 -27.86 4.92 -21.28
N HIS C 45 -27.64 6.20 -20.96
CA HIS C 45 -27.78 6.72 -19.58
C HIS C 45 -29.09 6.21 -19.01
N THR C 46 -28.97 5.44 -17.93
CA THR C 46 -30.09 4.74 -17.31
C THR C 46 -30.23 5.02 -15.81
N LEU C 47 -31.46 4.96 -15.31
CA LEU C 47 -31.71 5.16 -13.89
C LEU C 47 -32.21 3.85 -13.31
N VAL C 48 -31.84 3.57 -12.08
CA VAL C 48 -32.32 2.39 -11.38
C VAL C 48 -32.95 2.91 -10.10
N ILE C 49 -34.21 2.57 -9.88
CA ILE C 49 -34.89 3.09 -8.73
C ILE C 49 -35.63 2.00 -8.02
N PRO C 50 -35.85 2.14 -6.72
CA PRO C 50 -36.70 1.20 -6.02
C PRO C 50 -38.16 1.51 -6.30
N LYS C 51 -39.01 0.49 -6.34
N LYS C 51 -39.01 0.49 -6.33
CA LYS C 51 -40.43 0.73 -6.57
CA LYS C 51 -40.42 0.71 -6.57
C LYS C 51 -41.02 1.47 -5.37
C LYS C 51 -41.08 1.39 -5.36
N VAL C 52 -40.50 1.21 -4.19
CA VAL C 52 -40.99 1.86 -2.97
C VAL C 52 -40.42 3.28 -2.90
N HIS C 53 -41.20 4.23 -2.38
CA HIS C 53 -40.73 5.62 -2.29
C HIS C 53 -39.82 5.89 -1.09
N LYS C 54 -38.55 6.09 -1.39
CA LYS C 54 -37.54 6.46 -0.42
C LYS C 54 -36.90 7.68 -1.04
N GLN C 55 -36.87 8.79 -0.30
CA GLN C 55 -36.39 10.06 -0.85
C GLN C 55 -34.90 10.13 -1.26
N ASP C 56 -34.04 9.42 -0.52
CA ASP C 56 -32.60 9.49 -0.75
C ASP C 56 -31.85 8.32 -0.08
N ILE C 57 -30.52 8.32 -0.18
CA ILE C 57 -29.72 7.21 0.32
C ILE C 57 -29.98 6.92 1.79
N PHE C 58 -30.17 7.97 2.57
CA PHE C 58 -30.36 7.81 4.01
C PHE C 58 -31.64 7.06 4.38
N ALA C 59 -32.61 7.04 3.48
CA ALA C 59 -33.89 6.40 3.78
C ALA C 59 -33.97 4.94 3.33
N LEU C 60 -32.93 4.47 2.66
CA LEU C 60 -32.90 3.08 2.22
C LEU C 60 -32.66 2.08 3.35
N THR C 61 -33.39 0.97 3.31
CA THR C 61 -33.15 -0.13 4.22
C THR C 61 -32.09 -1.00 3.55
N PRO C 62 -31.38 -1.83 4.34
CA PRO C 62 -30.39 -2.74 3.73
C PRO C 62 -31.03 -3.62 2.64
N GLU C 63 -32.26 -4.05 2.92
CA GLU C 63 -33.10 -4.83 2.01
C GLU C 63 -33.30 -4.14 0.65
N ILE C 64 -33.75 -2.89 0.67
CA ILE C 64 -34.00 -2.15 -0.56
C ILE C 64 -32.68 -1.89 -1.30
N ALA C 65 -31.67 -1.44 -0.54
CA ALA C 65 -30.36 -1.19 -1.08
C ALA C 65 -29.84 -2.42 -1.81
N SER C 66 -30.00 -3.61 -1.21
CA SER C 66 -29.56 -4.85 -1.85
C SER C 66 -30.25 -5.09 -3.18
N HIS C 67 -31.57 -5.00 -3.18
CA HIS C 67 -32.32 -5.25 -4.43
C HIS C 67 -31.92 -4.31 -5.53
N ILE C 68 -31.70 -3.05 -5.17
CA ILE C 68 -31.35 -2.04 -6.14
C ILE C 68 -30.01 -2.35 -6.80
N PHE C 69 -29.02 -2.64 -5.98
CA PHE C 69 -27.69 -2.81 -6.50
C PHE C 69 -27.45 -4.18 -7.13
N SER C 70 -28.21 -5.18 -6.69
CA SER C 70 -28.00 -6.52 -7.23
C SER C 70 -28.21 -6.58 -8.75
N VAL C 71 -29.03 -5.69 -9.31
CA VAL C 71 -29.30 -5.72 -10.75
C VAL C 71 -28.42 -4.78 -11.58
N VAL C 72 -27.66 -3.91 -10.91
CA VAL C 72 -26.83 -2.94 -11.60
C VAL C 72 -25.78 -3.60 -12.50
N PRO C 73 -25.07 -4.64 -12.01
CA PRO C 73 -24.09 -5.25 -12.88
C PRO C 73 -24.69 -5.74 -14.21
N LYS C 74 -25.81 -6.47 -14.16
CA LYS C 74 -26.49 -6.97 -15.36
C LYS C 74 -26.84 -5.84 -16.33
N ILE C 75 -27.42 -4.77 -15.81
CA ILE C 75 -27.81 -3.65 -16.66
C ILE C 75 -26.59 -2.99 -17.25
N ALA C 76 -25.60 -2.75 -16.40
CA ALA C 76 -24.35 -2.15 -16.83
C ALA C 76 -23.71 -2.97 -17.96
N ASN C 77 -23.65 -4.29 -17.80
CA ASN C 77 -23.09 -5.17 -18.85
C ASN C 77 -23.93 -5.11 -20.13
N ALA C 78 -25.25 -5.17 -19.97
CA ALA C 78 -26.14 -5.07 -21.12
C ALA C 78 -25.79 -3.83 -21.95
N ILE C 79 -25.60 -2.70 -21.28
N ILE C 79 -25.59 -2.71 -21.27
CA ILE C 79 -25.27 -1.46 -21.98
CA ILE C 79 -25.24 -1.44 -21.91
C ILE C 79 -23.87 -1.48 -22.59
C ILE C 79 -23.89 -1.50 -22.59
N LYS C 80 -22.94 -2.14 -21.91
CA LYS C 80 -21.58 -2.29 -22.42
C LYS C 80 -21.55 -3.20 -23.63
N ALA C 81 -22.36 -4.26 -23.57
CA ALA C 81 -22.44 -5.23 -24.65
C ALA C 81 -23.01 -4.62 -25.92
N GLU C 82 -23.89 -3.63 -25.79
CA GLU C 82 -24.53 -3.04 -26.98
C GLU C 82 -23.89 -1.77 -27.53
N PHE C 83 -23.30 -0.93 -26.70
CA PHE C 83 -22.73 0.33 -27.19
C PHE C 83 -21.22 0.48 -27.04
N ASN C 84 -20.54 -0.52 -26.47
CA ASN C 84 -19.08 -0.50 -26.36
C ASN C 84 -18.49 0.80 -25.82
N PRO C 85 -19.00 1.28 -24.69
CA PRO C 85 -18.42 2.47 -24.10
C PRO C 85 -16.98 2.21 -23.68
N VAL C 86 -16.20 3.27 -23.52
CA VAL C 86 -14.80 3.14 -23.09
C VAL C 86 -14.70 3.15 -21.56
N GLY C 87 -15.78 3.56 -20.90
CA GLY C 87 -15.83 3.61 -19.45
C GLY C 87 -17.25 3.64 -18.92
N PHE C 88 -17.38 3.78 -17.61
CA PHE C 88 -18.70 3.75 -17.01
C PHE C 88 -18.67 4.36 -15.61
N ASN C 89 -19.69 5.16 -15.30
CA ASN C 89 -19.83 5.72 -13.96
C ASN C 89 -21.19 5.46 -13.36
N LEU C 90 -21.21 5.37 -12.03
CA LEU C 90 -22.43 5.30 -11.26
C LEU C 90 -22.41 6.60 -10.47
N LEU C 91 -23.56 7.27 -10.42
CA LEU C 91 -23.70 8.53 -9.69
C LEU C 91 -25.01 8.52 -8.92
N ASN C 92 -24.99 9.05 -7.69
CA ASN C 92 -26.18 9.22 -6.89
C ASN C 92 -26.08 10.56 -6.14
N ASN C 93 -27.13 11.36 -6.23
CA ASN C 93 -27.20 12.67 -5.60
C ASN C 93 -28.25 12.71 -4.51
N ASN C 94 -27.85 13.16 -3.33
CA ASN C 94 -28.74 13.26 -2.19
C ASN C 94 -28.71 14.67 -1.63
N GLY C 95 -29.83 15.37 -1.77
CA GLY C 95 -29.94 16.74 -1.31
C GLY C 95 -29.79 17.73 -2.46
N GLU C 96 -30.58 18.80 -2.39
CA GLU C 96 -30.54 19.86 -3.39
C GLU C 96 -29.11 20.39 -3.64
N LYS C 97 -28.38 20.63 -2.57
CA LYS C 97 -27.03 21.17 -2.69
C LYS C 97 -25.99 20.15 -3.13
N ALA C 98 -26.44 18.92 -3.39
CA ALA C 98 -25.58 17.85 -3.89
C ALA C 98 -26.06 17.44 -5.27
N GLY C 99 -27.02 18.19 -5.82
CA GLY C 99 -27.53 17.96 -7.17
C GLY C 99 -28.83 17.16 -7.31
N GLN C 100 -29.50 16.84 -6.22
CA GLN C 100 -30.73 16.06 -6.34
C GLN C 100 -31.84 16.96 -6.87
N THR C 101 -32.48 16.53 -7.95
CA THR C 101 -33.60 17.24 -8.54
C THR C 101 -34.87 16.42 -8.37
N VAL C 102 -34.78 15.10 -8.48
CA VAL C 102 -35.95 14.23 -8.26
C VAL C 102 -35.77 13.56 -6.92
N PHE C 103 -36.72 13.79 -6.02
CA PHE C 103 -36.60 13.31 -4.66
C PHE C 103 -37.16 11.91 -4.37
N HIS C 104 -36.68 10.96 -5.18
CA HIS C 104 -36.98 9.53 -5.05
C HIS C 104 -35.62 8.89 -5.33
N PHE C 105 -35.11 8.08 -4.43
CA PHE C 105 -33.78 7.54 -4.62
C PHE C 105 -33.56 6.93 -6.00
N HIS C 106 -32.43 7.26 -6.60
CA HIS C 106 -32.08 6.64 -7.87
C HIS C 106 -30.59 6.71 -8.14
N LEU C 107 -30.11 5.66 -8.80
CA LEU C 107 -28.72 5.58 -9.26
C LEU C 107 -28.66 5.87 -10.77
N HIS C 108 -27.73 6.74 -11.16
CA HIS C 108 -27.47 7.00 -12.56
C HIS C 108 -26.41 6.01 -13.03
N LEU C 109 -26.72 5.31 -14.11
CA LEU C 109 -25.79 4.40 -14.77
C LEU C 109 -25.41 5.17 -16.03
N ILE C 110 -24.15 5.58 -16.08
CA ILE C 110 -23.69 6.48 -17.12
C ILE C 110 -22.54 5.94 -17.94
N PRO C 111 -22.82 5.46 -19.16
CA PRO C 111 -21.75 4.99 -20.03
C PRO C 111 -20.89 6.18 -20.45
N ARG C 112 -19.61 5.92 -20.69
N ARG C 112 -19.60 5.94 -20.67
CA ARG C 112 -18.66 6.95 -21.10
CA ARG C 112 -18.68 6.99 -21.10
C ARG C 112 -18.12 6.61 -22.48
C ARG C 112 -18.09 6.63 -22.46
N TYR C 113 -18.06 7.61 -23.36
CA TYR C 113 -17.57 7.38 -24.73
C TYR C 113 -16.37 8.23 -25.11
N GLY C 114 -16.28 9.47 -24.61
CA GLY C 114 -15.18 10.35 -24.98
C GLY C 114 -15.37 11.76 -24.48
N GLU C 115 -14.80 12.73 -25.19
CA GLU C 115 -14.88 14.13 -24.76
C GLU C 115 -16.27 14.74 -24.90
N ASN C 116 -17.14 14.15 -25.73
CA ASN C 116 -18.51 14.64 -25.86
C ASN C 116 -19.43 14.18 -24.70
N ASP C 117 -18.87 13.49 -23.72
CA ASP C 117 -19.66 13.01 -22.60
C ASP C 117 -20.29 14.17 -21.80
N GLY C 118 -21.57 14.06 -21.51
CA GLY C 118 -22.28 15.08 -20.73
C GLY C 118 -22.00 14.99 -19.23
N PHE C 119 -21.24 13.98 -18.81
CA PHE C 119 -20.90 13.84 -17.41
C PHE C 119 -19.40 13.94 -17.19
N GLY C 120 -19.03 14.70 -16.18
CA GLY C 120 -17.64 14.83 -15.77
C GLY C 120 -17.66 15.08 -14.27
N ALA C 121 -16.58 14.75 -13.60
CA ALA C 121 -16.51 15.01 -12.18
C ALA C 121 -15.33 15.93 -11.91
N VAL C 122 -15.56 16.99 -11.15
CA VAL C 122 -14.45 17.84 -10.73
C VAL C 122 -13.97 17.17 -9.45
N TRP C 123 -12.68 16.92 -9.38
CA TRP C 123 -12.08 16.14 -8.28
C TRP C 123 -10.86 16.88 -7.74
N LYS C 124 -10.85 17.12 -6.43
CA LYS C 124 -9.78 17.87 -5.79
C LYS C 124 -9.44 17.28 -4.43
N SER C 125 -8.22 16.75 -4.33
CA SER C 125 -7.70 16.16 -3.12
C SER C 125 -7.39 17.20 -2.06
N HIS C 126 -7.64 16.87 -0.80
CA HIS C 126 -7.27 17.71 0.34
C HIS C 126 -6.41 16.88 1.29
N GLN C 127 -5.72 15.92 0.70
CA GLN C 127 -4.89 14.98 1.42
C GLN C 127 -3.95 15.65 2.43
N ASN C 128 -3.26 16.70 1.98
CA ASN C 128 -2.27 17.41 2.81
C ASN C 128 -2.82 18.16 4.02
N GLU C 129 -4.14 18.24 4.12
CA GLU C 129 -4.75 18.95 5.23
C GLU C 129 -5.06 18.03 6.41
N TYR C 130 -4.74 16.76 6.30
CA TYR C 130 -5.04 15.82 7.38
C TYR C 130 -3.81 15.07 7.79
N THR C 131 -3.61 14.92 9.09
CA THR C 131 -2.53 14.07 9.59
C THR C 131 -3.14 12.67 9.74
N GLU C 133 -3.31 11.09 12.44
CA GLU C 133 -4.11 11.19 13.64
C GLU C 133 -5.52 11.76 13.36
N ASN C 134 -5.60 12.79 12.51
CA ASN C 134 -6.89 13.37 12.15
C ASN C 134 -7.75 12.29 11.50
N LEU C 135 -7.16 11.52 10.59
CA LEU C 135 -7.88 10.49 9.86
C LEU C 135 -8.38 9.41 10.80
N GLN C 136 -7.55 9.02 11.76
CA GLN C 136 -7.95 8.03 12.74
C GLN C 136 -9.19 8.50 13.51
N ASN C 137 -9.18 9.76 13.91
CA ASN C 137 -10.27 10.34 14.70
C ASN C 137 -11.57 10.50 13.89
N ILE C 138 -11.44 10.84 12.62
CA ILE C 138 -12.58 10.95 11.73
C ILE C 138 -13.24 9.56 11.58
N ALA C 139 -12.43 8.56 11.25
CA ALA C 139 -12.92 7.21 11.07
C ALA C 139 -13.58 6.68 12.32
N SER C 140 -12.97 6.90 13.48
CA SER C 140 -13.55 6.33 14.69
C SER C 140 -14.83 7.06 15.03
N THR C 141 -14.90 8.36 14.75
CA THR C 141 -16.12 9.13 14.99
C THR C 141 -17.27 8.52 14.18
N ILE C 142 -17.02 8.24 12.91
CA ILE C 142 -18.04 7.64 12.04
C ILE C 142 -18.31 6.20 12.47
N ALA C 143 -17.26 5.43 12.75
CA ALA C 143 -17.42 4.02 13.11
C ALA C 143 -18.30 3.82 14.36
N ASN C 144 -18.13 4.68 15.35
CA ASN C 144 -18.87 4.54 16.62
C ASN C 144 -20.30 5.02 16.49
N SER C 145 -20.63 5.58 15.34
CA SER C 145 -21.98 6.06 15.09
C SER C 145 -22.75 5.15 14.11
N VAL C 146 -22.10 4.11 13.58
CA VAL C 146 -22.76 3.20 12.64
C VAL C 146 -23.72 2.25 13.38
N LYS C 147 -25.00 2.31 13.03
CA LYS C 147 -26.03 1.50 13.70
C LYS C 147 -26.52 0.32 12.86
N ASN D 5 -2.54 -7.29 -16.18
CA ASN D 5 -2.35 -5.84 -15.88
C ASN D 5 -2.96 -5.35 -14.55
N HIS D 6 -4.12 -5.87 -14.15
CA HIS D 6 -4.72 -5.45 -12.88
C HIS D 6 -4.95 -6.66 -11.97
N THR D 7 -3.87 -7.26 -11.48
CA THR D 7 -3.99 -8.46 -10.68
C THR D 7 -4.17 -8.20 -9.19
N ALA D 8 -4.83 -9.15 -8.53
CA ALA D 8 -5.06 -9.09 -7.10
C ALA D 8 -3.76 -8.93 -6.31
N ASP D 9 -2.69 -9.61 -6.72
CA ASP D 9 -1.41 -9.53 -5.98
C ASP D 9 -0.80 -8.12 -6.01
N ASN D 10 -1.09 -7.36 -7.07
CA ASN D 10 -0.59 -6.00 -7.21
C ASN D 10 -1.58 -4.92 -6.75
N CYS D 11 -2.74 -5.33 -6.28
CA CYS D 11 -3.82 -4.38 -5.92
C CYS D 11 -3.67 -3.83 -4.51
N ILE D 12 -3.58 -2.52 -4.41
CA ILE D 12 -3.41 -1.88 -3.11
C ILE D 12 -4.59 -2.12 -2.17
N PHE D 13 -5.80 -2.24 -2.70
CA PHE D 13 -6.96 -2.49 -1.85
C PHE D 13 -6.92 -3.91 -1.29
N CYS D 14 -6.52 -4.88 -2.11
CA CYS D 14 -6.35 -6.25 -1.60
C CYS D 14 -5.26 -6.29 -0.52
N LYS D 15 -4.22 -5.46 -0.69
CA LYS D 15 -3.17 -5.38 0.34
C LYS D 15 -3.71 -4.73 1.62
N ILE D 16 -4.66 -3.81 1.49
CA ILE D 16 -5.29 -3.19 2.65
C ILE D 16 -6.14 -4.23 3.36
N ILE D 17 -6.92 -4.97 2.57
CA ILE D 17 -7.78 -6.03 3.11
C ILE D 17 -6.93 -7.07 3.83
N ASP D 18 -5.75 -7.35 3.26
CA ASP D 18 -4.84 -8.34 3.80
C ASP D 18 -4.04 -7.84 4.99
N GLY D 19 -4.14 -6.55 5.32
CA GLY D 19 -3.42 -5.99 6.45
C GLY D 19 -1.96 -5.66 6.18
N GLN D 20 -1.58 -5.63 4.90
CA GLN D 20 -0.21 -5.27 4.51
C GLN D 20 0.02 -3.77 4.61
N ILE D 21 -1.03 -2.98 4.41
CA ILE D 21 -0.95 -1.51 4.57
C ILE D 21 -2.15 -1.05 5.37
N LEU D 22 -1.96 0.02 6.13
CA LEU D 22 -2.98 0.48 7.06
C LEU D 22 -4.08 1.28 6.40
N CYS D 23 -5.23 1.31 7.06
CA CYS D 23 -6.36 2.13 6.62
C CYS D 23 -7.09 2.60 7.86
N SER D 24 -7.88 3.64 7.69
CA SER D 24 -8.65 4.22 8.79
C SER D 24 -10.02 3.60 8.57
N LYS D 25 -10.29 2.53 9.32
CA LYS D 25 -11.47 1.73 9.13
C LYS D 25 -12.74 2.36 9.65
N VAL D 26 -13.77 2.33 8.82
CA VAL D 26 -15.06 2.87 9.17
C VAL D 26 -16.05 1.76 9.45
N TYR D 27 -15.91 0.63 8.75
CA TYR D 27 -16.83 -0.49 8.93
C TYR D 27 -16.25 -1.73 8.27
N GLU D 28 -16.60 -2.90 8.79
CA GLU D 28 -16.13 -4.14 8.22
C GLU D 28 -17.02 -5.35 8.51
N ASP D 29 -17.20 -6.15 7.46
N ASP D 29 -17.21 -6.22 7.53
CA ASP D 29 -18.00 -7.37 7.46
CA ASP D 29 -17.95 -7.46 7.77
C ASP D 29 -17.20 -8.55 6.96
C ASP D 29 -17.32 -8.53 6.88
N GLU D 30 -17.91 -9.67 6.78
N GLU D 30 -17.82 -9.77 6.95
CA GLU D 30 -17.30 -10.85 6.20
CA GLU D 30 -17.25 -10.86 6.18
C GLU D 30 -17.07 -10.58 4.70
C GLU D 30 -17.03 -10.54 4.70
N HIS D 31 -17.87 -9.68 4.14
CA HIS D 31 -17.80 -9.41 2.70
C HIS D 31 -17.33 -8.03 2.23
N VAL D 32 -17.31 -7.05 3.12
CA VAL D 32 -16.97 -5.70 2.69
C VAL D 32 -16.12 -4.95 3.72
N LEU D 33 -15.37 -3.98 3.22
CA LEU D 33 -14.54 -3.15 4.08
C LEU D 33 -14.77 -1.69 3.65
N ALA D 34 -14.93 -0.80 4.64
CA ALA D 34 -15.09 0.60 4.38
C ALA D 34 -14.04 1.32 5.16
N PHE D 35 -13.38 2.28 4.51
CA PHE D 35 -12.31 3.06 5.13
C PHE D 35 -12.22 4.42 4.47
N LEU D 36 -11.54 5.35 5.14
CA LEU D 36 -11.43 6.69 4.59
C LEU D 36 -10.53 6.77 3.36
N ASP D 37 -10.96 7.54 2.39
CA ASP D 37 -10.11 7.84 1.27
C ASP D 37 -9.16 8.91 1.78
N ILE D 38 -7.87 8.65 1.74
CA ILE D 38 -6.91 9.62 2.30
C ILE D 38 -6.95 10.97 1.57
N SER D 39 -7.46 11.01 0.34
CA SER D 39 -7.61 12.28 -0.37
C SER D 39 -8.60 13.22 0.33
N GLN D 40 -9.53 12.64 1.09
CA GLN D 40 -10.58 13.41 1.77
C GLN D 40 -11.09 14.58 0.91
N VAL D 41 -11.72 14.29 -0.23
CA VAL D 41 -12.23 15.37 -1.08
C VAL D 41 -13.17 16.25 -0.25
N THR D 42 -13.81 15.64 0.74
CA THR D 42 -14.63 16.36 1.73
C THR D 42 -14.38 15.57 3.00
N LYS D 43 -14.61 16.19 4.15
CA LYS D 43 -14.38 15.53 5.44
C LYS D 43 -15.29 14.33 5.61
N GLY D 44 -14.69 13.14 5.76
CA GLY D 44 -15.46 11.91 5.95
C GLY D 44 -15.64 11.08 4.69
N HIS D 45 -15.03 11.53 3.61
CA HIS D 45 -15.00 10.83 2.36
C HIS D 45 -14.54 9.40 2.65
N THR D 46 -15.41 8.46 2.29
CA THR D 46 -15.24 7.07 2.64
C THR D 46 -15.36 6.17 1.41
N LEU D 47 -14.57 5.11 1.39
CA LEU D 47 -14.65 4.11 0.33
C LEU D 47 -15.28 2.83 0.89
N VAL D 48 -16.10 2.18 0.08
CA VAL D 48 -16.70 0.89 0.42
C VAL D 48 -16.29 -0.06 -0.68
N ILE D 49 -15.68 -1.18 -0.30
CA ILE D 49 -15.15 -2.13 -1.25
C ILE D 49 -15.48 -3.58 -0.86
N PRO D 50 -15.67 -4.44 -1.86
CA PRO D 50 -15.86 -5.84 -1.50
C PRO D 50 -14.50 -6.43 -1.09
N LYS D 51 -14.51 -7.42 -0.20
CA LYS D 51 -13.27 -8.06 0.18
C LYS D 51 -12.72 -8.91 -0.97
N VAL D 52 -13.59 -9.39 -1.84
CA VAL D 52 -13.16 -10.17 -3.02
C VAL D 52 -12.68 -9.20 -4.10
N HIS D 53 -11.57 -9.52 -4.78
CA HIS D 53 -11.08 -8.66 -5.84
C HIS D 53 -11.94 -8.74 -7.11
N LYS D 54 -12.65 -7.67 -7.42
CA LYS D 54 -13.41 -7.57 -8.67
C LYS D 54 -12.96 -6.25 -9.19
N GLN D 55 -12.53 -6.23 -10.43
CA GLN D 55 -11.91 -5.04 -10.99
C GLN D 55 -12.84 -3.85 -11.15
N ASP D 56 -14.11 -4.10 -11.48
CA ASP D 56 -15.03 -3.01 -11.70
C ASP D 56 -16.49 -3.46 -11.68
N ILE D 57 -17.41 -2.55 -12.03
CA ILE D 57 -18.83 -2.84 -11.94
C ILE D 57 -19.25 -4.05 -12.76
N PHE D 58 -18.63 -4.23 -13.93
CA PHE D 58 -18.99 -5.31 -14.82
C PHE D 58 -18.65 -6.70 -14.29
N ALA D 59 -17.65 -6.80 -13.42
CA ALA D 59 -17.25 -8.07 -12.83
C ALA D 59 -18.01 -8.39 -11.54
N LEU D 60 -18.90 -7.51 -11.08
CA LEU D 60 -19.65 -7.82 -9.87
C LEU D 60 -20.76 -8.83 -10.14
N THR D 61 -21.01 -9.74 -9.20
CA THR D 61 -22.11 -10.69 -9.31
C THR D 61 -23.21 -10.07 -8.46
N PRO D 62 -24.49 -10.46 -8.69
CA PRO D 62 -25.58 -9.90 -7.88
C PRO D 62 -25.33 -10.02 -6.37
N GLU D 63 -24.82 -11.17 -5.93
CA GLU D 63 -24.55 -11.39 -4.50
C GLU D 63 -23.45 -10.47 -3.94
N ILE D 64 -22.39 -10.20 -4.71
CA ILE D 64 -21.34 -9.28 -4.24
C ILE D 64 -21.92 -7.85 -4.22
N ALA D 65 -22.63 -7.48 -5.29
CA ALA D 65 -23.21 -6.15 -5.38
C ALA D 65 -24.18 -5.88 -4.21
N SER D 66 -25.01 -6.87 -3.85
CA SER D 66 -25.93 -6.67 -2.75
C SER D 66 -25.17 -6.52 -1.43
N HIS D 67 -24.10 -7.27 -1.24
CA HIS D 67 -23.32 -7.14 0.00
C HIS D 67 -22.76 -5.76 0.17
N ILE D 68 -22.20 -5.22 -0.92
CA ILE D 68 -21.62 -3.88 -0.90
C ILE D 68 -22.64 -2.79 -0.57
N PHE D 69 -23.77 -2.80 -1.26
CA PHE D 69 -24.70 -1.71 -1.13
C PHE D 69 -25.56 -1.82 0.12
N SER D 70 -25.75 -3.04 0.65
CA SER D 70 -26.59 -3.21 1.82
C SER D 70 -26.10 -2.42 3.02
N VAL D 71 -24.80 -2.13 3.04
CA VAL D 71 -24.21 -1.40 4.15
C VAL D 71 -24.08 0.11 3.92
N VAL D 72 -24.25 0.54 2.69
CA VAL D 72 -24.08 1.96 2.39
C VAL D 72 -25.02 2.89 3.19
N PRO D 73 -26.31 2.57 3.27
CA PRO D 73 -27.16 3.49 4.04
C PRO D 73 -26.73 3.67 5.50
N LYS D 74 -26.36 2.61 6.21
CA LYS D 74 -25.96 2.79 7.61
C LYS D 74 -24.65 3.60 7.69
N ILE D 75 -23.74 3.41 6.74
CA ILE D 75 -22.51 4.20 6.75
C ILE D 75 -22.80 5.67 6.41
N ALA D 76 -23.66 5.89 5.42
CA ALA D 76 -24.07 7.25 5.04
C ALA D 76 -24.78 7.92 6.23
N ASN D 77 -25.65 7.18 6.90
CA ASN D 77 -26.32 7.75 8.08
C ASN D 77 -25.37 8.15 9.21
N ALA D 78 -24.31 7.36 9.42
CA ALA D 78 -23.31 7.65 10.48
C ALA D 78 -22.58 8.94 10.17
N ILE D 79 -22.15 9.08 8.92
CA ILE D 79 -21.45 10.29 8.48
C ILE D 79 -22.37 11.50 8.63
N LYS D 80 -23.62 11.33 8.24
CA LYS D 80 -24.60 12.39 8.35
C LYS D 80 -24.86 12.80 9.80
N ALA D 81 -25.08 11.81 10.66
CA ALA D 81 -25.32 12.05 12.08
C ALA D 81 -24.15 12.78 12.72
N GLU D 82 -22.91 12.40 12.38
CA GLU D 82 -21.73 13.00 13.01
C GLU D 82 -21.23 14.34 12.49
N PHE D 83 -21.35 14.58 11.18
CA PHE D 83 -20.81 15.81 10.58
C PHE D 83 -21.83 16.76 9.97
N ASN D 84 -23.10 16.39 9.96
N ASN D 84 -23.10 16.36 9.97
CA ASN D 84 -24.14 17.29 9.48
CA ASN D 84 -24.21 17.19 9.48
C ASN D 84 -23.88 17.89 8.10
C ASN D 84 -23.98 17.85 8.11
N PRO D 85 -23.65 17.04 7.10
CA PRO D 85 -23.44 17.61 5.75
C PRO D 85 -24.75 18.18 5.19
N VAL D 86 -24.68 19.04 4.17
CA VAL D 86 -25.91 19.58 3.56
C VAL D 86 -26.35 18.71 2.40
N GLY D 87 -25.52 17.72 2.05
CA GLY D 87 -25.85 16.83 0.95
C GLY D 87 -24.92 15.62 0.96
N PHE D 88 -25.10 14.75 -0.02
CA PHE D 88 -24.27 13.56 -0.07
C PHE D 88 -24.28 12.97 -1.46
N ASN D 89 -23.14 12.46 -1.93
CA ASN D 89 -23.08 11.78 -3.23
C ASN D 89 -22.44 10.41 -3.15
N LEU D 90 -22.84 9.54 -4.08
CA LEU D 90 -22.18 8.27 -4.28
C LEU D 90 -21.63 8.35 -5.70
N LEU D 91 -20.39 7.85 -5.86
CA LEU D 91 -19.71 7.82 -7.13
C LEU D 91 -18.90 6.53 -7.28
N ASN D 92 -18.96 5.96 -8.48
CA ASN D 92 -18.16 4.80 -8.81
C ASN D 92 -17.63 5.04 -10.22
N ASN D 93 -16.32 4.79 -10.40
CA ASN D 93 -15.61 4.98 -11.66
C ASN D 93 -15.10 3.66 -12.21
N ASN D 94 -15.37 3.40 -13.49
CA ASN D 94 -14.94 2.18 -14.15
C ASN D 94 -14.25 2.49 -15.48
N GLY D 95 -12.99 2.07 -15.59
CA GLY D 95 -12.19 2.38 -16.76
C GLY D 95 -11.42 3.67 -16.52
N GLU D 96 -10.20 3.72 -17.02
CA GLU D 96 -9.36 4.91 -16.87
C GLU D 96 -9.95 6.16 -17.53
N LYS D 97 -10.72 6.02 -18.61
CA LYS D 97 -11.33 7.18 -19.26
C LYS D 97 -12.60 7.67 -18.54
N ALA D 98 -12.98 6.96 -17.47
CA ALA D 98 -14.13 7.33 -16.64
C ALA D 98 -13.63 7.73 -15.26
N GLY D 99 -12.31 7.86 -15.13
CA GLY D 99 -11.68 8.31 -13.88
C GLY D 99 -11.13 7.26 -12.92
N GLN D 100 -11.16 5.99 -13.29
CA GLN D 100 -10.72 4.94 -12.37
C GLN D 100 -9.19 4.92 -12.27
N THR D 101 -8.68 4.99 -11.04
CA THR D 101 -7.24 4.92 -10.78
C THR D 101 -6.85 3.68 -9.95
N VAL D 102 -7.77 3.13 -9.14
CA VAL D 102 -7.51 1.86 -8.41
C VAL D 102 -8.47 0.80 -8.96
N PHE D 103 -7.89 -0.30 -9.44
CA PHE D 103 -8.65 -1.31 -10.20
C PHE D 103 -9.23 -2.46 -9.40
N HIS D 104 -9.95 -2.05 -8.36
CA HIS D 104 -10.67 -2.94 -7.45
C HIS D 104 -11.97 -2.14 -7.24
N PHE D 105 -13.10 -2.76 -7.55
CA PHE D 105 -14.36 -2.05 -7.45
C PHE D 105 -14.54 -1.35 -6.10
N HIS D 106 -14.84 -0.05 -6.15
CA HIS D 106 -15.13 0.66 -4.92
C HIS D 106 -16.10 1.81 -5.17
N LEU D 107 -16.87 2.14 -4.12
CA LEU D 107 -17.81 3.22 -4.14
C LEU D 107 -17.28 4.35 -3.23
N HIS D 108 -17.32 5.57 -3.74
CA HIS D 108 -16.98 6.74 -2.96
C HIS D 108 -18.28 7.25 -2.31
N LEU D 109 -18.23 7.46 -0.99
CA LEU D 109 -19.31 8.05 -0.22
C LEU D 109 -18.75 9.41 0.13
N ILE D 110 -19.33 10.44 -0.47
CA ILE D 110 -18.86 11.82 -0.39
C ILE D 110 -19.86 12.76 0.27
N PRO D 111 -19.60 13.15 1.53
CA PRO D 111 -20.46 14.12 2.17
C PRO D 111 -20.20 15.49 1.53
N ARG D 112 -21.25 16.32 1.44
CA ARG D 112 -21.15 17.66 0.89
C ARG D 112 -21.43 18.69 1.97
N TYR D 113 -20.63 19.74 1.98
CA TYR D 113 -20.73 20.79 2.98
C TYR D 113 -20.90 22.21 2.43
N GLY D 114 -20.43 22.47 1.21
CA GLY D 114 -20.48 23.81 0.64
C GLY D 114 -19.55 24.04 -0.55
N GLU D 115 -19.32 25.31 -0.86
N GLU D 115 -19.31 25.31 -0.87
CA GLU D 115 -18.49 25.73 -2.00
CA GLU D 115 -18.51 25.68 -2.03
C GLU D 115 -17.10 25.12 -2.06
C GLU D 115 -17.08 25.16 -2.07
N ASN D 116 -16.49 24.87 -0.91
CA ASN D 116 -15.13 24.33 -0.89
C ASN D 116 -15.04 22.81 -1.04
N ASP D 117 -16.15 22.14 -1.32
CA ASP D 117 -16.15 20.70 -1.51
C ASP D 117 -15.22 20.33 -2.66
N GLY D 118 -14.45 19.25 -2.48
CA GLY D 118 -13.53 18.76 -3.50
C GLY D 118 -14.13 17.86 -4.57
N PHE D 119 -15.45 17.77 -4.61
CA PHE D 119 -16.15 17.02 -5.65
C PHE D 119 -17.31 17.84 -6.20
N GLY D 120 -17.49 17.80 -7.52
CA GLY D 120 -18.59 18.48 -8.19
C GLY D 120 -18.86 17.71 -9.47
N ALA D 121 -20.13 17.60 -9.87
CA ALA D 121 -20.44 16.92 -11.13
C ALA D 121 -20.63 17.92 -12.26
N VAL D 122 -20.04 17.64 -13.42
CA VAL D 122 -20.24 18.45 -14.63
C VAL D 122 -21.38 17.75 -15.33
N TRP D 123 -22.46 18.46 -15.61
CA TRP D 123 -23.68 17.84 -16.12
C TRP D 123 -24.25 18.56 -17.33
N LYS D 124 -24.35 17.84 -18.43
CA LYS D 124 -24.86 18.42 -19.66
C LYS D 124 -25.97 17.54 -20.24
N SER D 125 -27.20 18.03 -20.19
CA SER D 125 -28.34 17.31 -20.75
C SER D 125 -28.29 17.37 -22.29
N HIS D 126 -28.81 16.31 -22.91
CA HIS D 126 -28.90 16.20 -24.37
C HIS D 126 -30.29 15.70 -24.76
N GLN D 127 -31.29 15.97 -23.91
CA GLN D 127 -32.66 15.51 -24.15
C GLN D 127 -33.21 15.91 -25.52
N ASN D 128 -32.78 17.07 -26.03
CA ASN D 128 -33.25 17.54 -27.34
C ASN D 128 -32.78 16.72 -28.53
N GLU D 129 -31.65 16.03 -28.36
CA GLU D 129 -31.07 15.26 -29.44
C GLU D 129 -31.72 13.89 -29.63
N TYR D 130 -32.74 13.56 -28.85
CA TYR D 130 -33.40 12.26 -28.96
C TYR D 130 -34.91 12.34 -29.18
N THR D 131 -35.42 11.40 -29.98
CA THR D 131 -36.85 11.28 -30.26
C THR D 131 -37.41 10.18 -29.37
N GLU D 133 -38.93 7.74 -30.41
CA GLU D 133 -38.59 6.53 -31.14
C GLU D 133 -37.15 6.10 -30.81
N ASN D 134 -36.23 7.07 -30.77
CA ASN D 134 -34.84 6.78 -30.45
C ASN D 134 -34.72 6.19 -29.05
N LEU D 135 -35.41 6.81 -28.09
CA LEU D 135 -35.36 6.35 -26.70
C LEU D 135 -35.92 4.94 -26.56
N GLN D 136 -37.00 4.63 -27.27
CA GLN D 136 -37.59 3.28 -27.18
C GLN D 136 -36.66 2.23 -27.82
N ASN D 137 -36.02 2.58 -28.94
CA ASN D 137 -35.08 1.66 -29.57
C ASN D 137 -33.89 1.39 -28.65
N ILE D 138 -33.35 2.43 -28.04
CA ILE D 138 -32.25 2.28 -27.10
C ILE D 138 -32.67 1.46 -25.88
N ALA D 139 -33.80 1.79 -25.27
CA ALA D 139 -34.25 1.05 -24.09
C ALA D 139 -34.50 -0.41 -24.46
N SER D 140 -35.05 -0.62 -25.64
CA SER D 140 -35.35 -1.96 -26.12
C SER D 140 -34.12 -2.82 -26.36
N THR D 141 -33.05 -2.26 -26.93
CA THR D 141 -31.88 -3.07 -27.23
C THR D 141 -31.13 -3.39 -25.92
N ILE D 142 -31.18 -2.47 -24.97
CA ILE D 142 -30.58 -2.73 -23.66
C ILE D 142 -31.37 -3.84 -22.98
N ALA D 143 -32.70 -3.73 -22.98
CA ALA D 143 -33.55 -4.71 -22.29
C ALA D 143 -33.32 -6.13 -22.80
N ASN D 144 -33.23 -6.29 -24.11
CA ASN D 144 -33.00 -7.61 -24.70
C ASN D 144 -31.59 -8.16 -24.43
N SER D 145 -30.68 -7.33 -23.93
CA SER D 145 -29.32 -7.77 -23.60
C SER D 145 -29.17 -8.17 -22.13
N VAL D 146 -30.10 -7.75 -21.28
CA VAL D 146 -30.01 -8.07 -19.87
C VAL D 146 -30.09 -9.58 -19.71
N LYS D 147 -28.97 -10.18 -19.31
CA LYS D 147 -28.89 -11.61 -19.13
C LYS D 147 -29.30 -11.96 -17.69
#